data_2ZVU
#
_entry.id   2ZVU
#
_cell.length_a   65.346
_cell.length_b   65.346
_cell.length_c   120.240
_cell.angle_alpha   90.00
_cell.angle_beta   90.00
_cell.angle_gamma   120.00
#
_symmetry.space_group_name_H-M   'P 32 2 1'
#
loop_
_entity.id
_entity.type
_entity.pdbx_description
1 polymer 'Heme oxygenase 1'
2 non-polymer '5-OXA-PROTOPORPHYRIN IX CONTAINING FE'
3 non-polymer 'FORMIC ACID'
4 water water
#
_entity_poly.entity_id   1
_entity_poly.type   'polypeptide(L)'
_entity_poly.pdbx_seq_one_letter_code
;MERPQLDSMSQDLSEALKEATKEVHIRAENSEFMRNFQKGQVSREGFKLVMASLYHIYTALEEEIERNKQNPVYAPLYFP
EELHRRAALEQDMAFWYGPHWQEAIPYTPATQHYVKRLHEVGGTHPELLVAHAYTRYLGDLSGGQVLKKIAQKAMALPSS
GEGLAFFTFPSIDNPTKFKQLYRARMNTLEMTPEVKHRVTEEAKTAFLLNIELFEELQALLTEEHKDQSPSQTEFLRQRP
ASLVQDTTSAETPRGKSQISTSSSQTP
;
_entity_poly.pdbx_strand_id   A
#
loop_
_chem_comp.id
_chem_comp.type
_chem_comp.name
_chem_comp.formula
FMT non-polymer 'FORMIC ACID' 'C H2 O2'
VEA non-polymer '5-OXA-PROTOPORPHYRIN IX CONTAINING FE' 'C33 H31 Fe N4 O5 5'
#
# COMPACT_ATOMS: atom_id res chain seq x y z
N GLN A 11 23.50 9.58 4.52
CA GLN A 11 22.09 9.99 4.79
C GLN A 11 21.31 8.82 5.38
N ASP A 12 20.48 9.09 6.38
CA ASP A 12 19.56 8.08 6.95
C ASP A 12 18.65 7.50 5.85
N LEU A 13 18.34 6.21 5.94
CA LEU A 13 17.46 5.55 4.96
C LEU A 13 16.06 6.20 4.82
N SER A 14 15.46 6.57 5.94
CA SER A 14 14.12 7.18 5.97
C SER A 14 14.10 8.49 5.17
N GLU A 15 15.17 9.26 5.32
CA GLU A 15 15.36 10.52 4.62
C GLU A 15 15.69 10.27 3.15
N ALA A 16 16.56 9.30 2.89
CA ALA A 16 16.92 8.92 1.52
C ALA A 16 15.69 8.50 0.73
N LEU A 17 14.83 7.72 1.35
CA LEU A 17 13.60 7.26 0.71
C LEU A 17 12.60 8.40 0.42
N LYS A 18 12.47 9.34 1.35
CA LYS A 18 11.56 10.47 1.14
C LYS A 18 12.04 11.35 -0.02
N GLU A 19 13.33 11.69 0.04
CA GLU A 19 14.00 12.43 -1.01
C GLU A 19 13.88 11.72 -2.36
N ALA A 20 14.03 10.39 -2.38
CA ALA A 20 14.02 9.63 -3.65
C ALA A 20 12.64 9.54 -4.29
N THR A 21 11.61 9.67 -3.48
CA THR A 21 10.24 9.42 -3.95
C THR A 21 9.38 10.67 -3.93
N LYS A 22 9.92 11.78 -3.44
CA LYS A 22 9.17 13.05 -3.41
C LYS A 22 8.61 13.51 -4.78
N GLU A 23 9.34 13.25 -5.86
CA GLU A 23 8.90 13.66 -7.21
C GLU A 23 7.83 12.74 -7.76
N VAL A 24 8.10 11.44 -7.78
CA VAL A 24 7.09 10.48 -8.23
C VAL A 24 5.85 10.50 -7.32
N HIS A 25 6.01 10.90 -6.06
CA HIS A 25 4.85 11.02 -5.17
C HIS A 25 3.90 12.10 -5.68
N ILE A 26 4.47 13.23 -6.06
CA ILE A 26 3.71 14.31 -6.70
C ILE A 26 2.92 13.82 -7.92
N ARG A 27 3.56 13.02 -8.75
CA ARG A 27 2.91 12.47 -9.95
C ARG A 27 1.79 11.50 -9.58
N ALA A 28 2.02 10.69 -8.55
CA ALA A 28 1.06 9.69 -8.04
C ALA A 28 -0.18 10.35 -7.43
N GLU A 29 0.02 11.35 -6.57
CA GLU A 29 -1.15 11.98 -5.94
C GLU A 29 -1.96 12.81 -6.93
N ASN A 30 -1.40 13.03 -8.11
CA ASN A 30 -2.06 13.82 -9.13
C ASN A 30 -2.43 13.00 -10.34
N SER A 31 -2.42 11.68 -10.18
CA SER A 31 -2.94 10.82 -11.22
C SER A 31 -4.44 11.12 -11.40
N GLU A 32 -4.90 10.89 -12.62
CA GLU A 32 -6.25 11.17 -13.05
C GLU A 32 -7.26 10.43 -12.17
N PHE A 33 -7.01 9.15 -11.90
CA PHE A 33 -7.85 8.39 -10.98
C PHE A 33 -7.94 9.08 -9.62
N MET A 34 -6.80 9.52 -9.10
CA MET A 34 -6.74 10.15 -7.78
C MET A 34 -7.34 11.55 -7.75
N ARG A 35 -7.13 12.31 -8.83
CA ARG A 35 -7.82 13.59 -9.03
C ARG A 35 -9.33 13.43 -8.96
N ASN A 36 -9.87 12.45 -9.69
CA ASN A 36 -11.29 12.07 -9.58
C ASN A 36 -11.70 11.64 -8.18
N PHE A 37 -10.89 10.81 -7.53
CA PHE A 37 -11.13 10.42 -6.15
C PHE A 37 -11.25 11.66 -5.26
N GLN A 38 -10.22 12.50 -5.25
CA GLN A 38 -10.13 13.66 -4.38
C GLN A 38 -11.22 14.69 -4.60
N LYS A 39 -11.72 14.77 -5.83
CA LYS A 39 -12.88 15.61 -6.15
C LYS A 39 -14.18 14.97 -5.66
N GLY A 40 -14.27 13.64 -5.74
CA GLY A 40 -15.41 12.88 -5.23
C GLY A 40 -16.18 12.15 -6.31
N GLN A 41 -15.54 11.95 -7.47
CA GLN A 41 -16.20 11.41 -8.67
C GLN A 41 -16.20 9.88 -8.79
N VAL A 42 -15.61 9.20 -7.81
CA VAL A 42 -15.54 7.74 -7.90
C VAL A 42 -16.72 7.05 -7.19
N SER A 43 -17.35 6.13 -7.93
CA SER A 43 -18.49 5.38 -7.46
C SER A 43 -18.07 4.05 -6.82
N ARG A 44 -19.07 3.36 -6.30
CA ARG A 44 -18.93 2.03 -5.74
C ARG A 44 -18.13 1.09 -6.65
N GLU A 45 -18.38 1.18 -7.96
CA GLU A 45 -17.75 0.31 -8.95
C GLU A 45 -16.24 0.52 -9.03
N GLY A 46 -15.82 1.78 -9.14
CA GLY A 46 -14.40 2.18 -9.15
C GLY A 46 -13.75 1.80 -7.84
N PHE A 47 -14.45 2.04 -6.74
CA PHE A 47 -13.90 1.78 -5.41
C PHE A 47 -13.71 0.27 -5.16
N LYS A 48 -14.70 -0.53 -5.53
CA LYS A 48 -14.55 -2.00 -5.48
C LYS A 48 -13.36 -2.51 -6.30
N LEU A 49 -13.12 -1.91 -7.47
CA LEU A 49 -11.99 -2.23 -8.33
C LEU A 49 -10.65 -1.99 -7.62
N VAL A 50 -10.50 -0.83 -7.01
CA VAL A 50 -9.22 -0.53 -6.39
C VAL A 50 -9.01 -1.33 -5.09
N MET A 51 -10.07 -1.56 -4.33
CA MET A 51 -9.90 -2.30 -3.07
C MET A 51 -9.65 -3.80 -3.32
N ALA A 52 -10.25 -4.35 -4.37
CA ALA A 52 -9.94 -5.71 -4.80
C ALA A 52 -8.51 -5.85 -5.29
N SER A 53 -8.04 -4.84 -6.05
CA SER A 53 -6.65 -4.82 -6.49
C SER A 53 -5.70 -4.75 -5.28
N LEU A 54 -6.04 -3.92 -4.29
CA LEU A 54 -5.25 -3.83 -3.06
C LEU A 54 -5.27 -5.15 -2.28
N TYR A 55 -6.41 -5.83 -2.30
CA TYR A 55 -6.48 -7.14 -1.71
C TYR A 55 -5.32 -8.05 -2.22
N HIS A 56 -5.17 -8.17 -3.55
CA HIS A 56 -4.11 -9.01 -4.13
C HIS A 56 -2.68 -8.51 -3.81
N ILE A 57 -2.51 -7.19 -3.78
CA ILE A 57 -1.21 -6.58 -3.58
C ILE A 57 -0.73 -6.81 -2.15
N TYR A 58 -1.59 -6.52 -1.18
CA TYR A 58 -1.25 -6.69 0.22
C TYR A 58 -1.15 -8.17 0.60
N THR A 59 -1.94 -9.04 -0.05
CA THR A 59 -1.80 -10.49 0.13
C THR A 59 -0.40 -10.97 -0.27
N ALA A 60 0.07 -10.53 -1.43
CA ALA A 60 1.40 -10.88 -1.90
C ALA A 60 2.47 -10.24 -1.01
N LEU A 61 2.29 -8.97 -0.66
CA LEU A 61 3.27 -8.25 0.15
C LEU A 61 3.41 -8.90 1.52
N GLU A 62 2.28 -9.25 2.14
CA GLU A 62 2.32 -9.77 3.50
C GLU A 62 2.76 -11.23 3.58
N GLU A 63 2.53 -11.98 2.51
CA GLU A 63 3.09 -13.32 2.34
C GLU A 63 4.62 -13.26 2.28
N GLU A 64 5.15 -12.32 1.50
CA GLU A 64 6.61 -12.14 1.42
C GLU A 64 7.20 -11.61 2.71
N ILE A 65 6.46 -10.78 3.43
CA ILE A 65 6.89 -10.31 4.73
C ILE A 65 7.03 -11.50 5.72
N GLU A 66 6.06 -12.42 5.68
CA GLU A 66 6.10 -13.64 6.49
C GLU A 66 7.27 -14.54 6.15
N ARG A 67 7.50 -14.75 4.85
CA ARG A 67 8.64 -15.54 4.37
C ARG A 67 9.96 -14.97 4.91
N ASN A 68 10.05 -13.65 5.00
CA ASN A 68 11.27 -12.95 5.41
C ASN A 68 11.28 -12.32 6.81
N LYS A 69 10.32 -12.67 7.66
CA LYS A 69 10.18 -12.04 8.99
C LYS A 69 11.42 -12.16 9.88
N GLN A 70 12.13 -13.30 9.78
CA GLN A 70 13.31 -13.58 10.58
C GLN A 70 14.59 -13.12 9.90
N ASN A 71 14.47 -12.58 8.68
CA ASN A 71 15.62 -12.06 7.96
C ASN A 71 15.97 -10.65 8.46
N PRO A 72 17.22 -10.45 8.90
CA PRO A 72 17.71 -9.15 9.39
C PRO A 72 17.56 -7.97 8.41
N VAL A 73 17.47 -8.24 7.10
CA VAL A 73 17.27 -7.16 6.10
C VAL A 73 15.87 -6.55 6.17
N TYR A 74 14.95 -7.24 6.87
CA TYR A 74 13.58 -6.77 7.00
C TYR A 74 13.06 -6.71 8.46
N ALA A 75 13.50 -7.69 9.25
CA ALA A 75 12.91 -8.03 10.56
C ALA A 75 12.57 -6.87 11.53
N PRO A 76 13.44 -5.82 11.63
CA PRO A 76 13.05 -4.65 12.41
C PRO A 76 11.74 -3.96 11.97
N LEU A 77 11.30 -4.18 10.74
CA LEU A 77 10.04 -3.60 10.25
C LEU A 77 8.85 -4.53 10.33
N TYR A 78 9.03 -5.67 11.00
CA TYR A 78 7.98 -6.68 11.11
C TYR A 78 6.93 -6.28 12.16
N PHE A 79 5.80 -5.75 11.68
CA PHE A 79 4.73 -5.26 12.54
C PHE A 79 3.37 -5.80 12.09
N PRO A 80 3.15 -7.13 12.16
CA PRO A 80 1.85 -7.60 11.66
C PRO A 80 0.64 -7.01 12.37
N GLU A 81 0.71 -6.86 13.69
CA GLU A 81 -0.48 -6.48 14.47
C GLU A 81 -0.88 -5.06 14.15
N GLU A 82 0.08 -4.15 14.14
CA GLU A 82 -0.14 -2.73 13.81
C GLU A 82 -0.49 -2.45 12.34
N LEU A 83 0.18 -3.10 11.41
CA LEU A 83 0.19 -2.63 10.03
C LEU A 83 -0.50 -3.52 9.03
N HIS A 84 -0.39 -4.84 9.18
CA HIS A 84 -0.86 -5.73 8.13
C HIS A 84 -2.33 -5.47 7.74
N ARG A 85 -2.62 -5.51 6.44
CA ARG A 85 -3.92 -5.12 5.90
C ARG A 85 -4.78 -6.24 5.39
N ARG A 86 -4.23 -7.44 5.23
CA ARG A 86 -4.98 -8.52 4.57
C ARG A 86 -6.32 -8.90 5.23
N ALA A 87 -6.34 -9.09 6.55
CA ALA A 87 -7.60 -9.42 7.25
C ALA A 87 -8.63 -8.31 7.06
N ALA A 88 -8.17 -7.06 7.21
CA ALA A 88 -9.00 -5.86 6.98
C ALA A 88 -9.60 -5.81 5.56
N LEU A 89 -8.77 -6.13 4.57
CA LEU A 89 -9.22 -6.22 3.17
C LEU A 89 -10.19 -7.38 2.94
N GLU A 90 -10.03 -8.47 3.70
CA GLU A 90 -10.98 -9.57 3.62
C GLU A 90 -12.38 -9.16 4.13
N GLN A 91 -12.41 -8.36 5.20
CA GLN A 91 -13.67 -7.75 5.64
C GLN A 91 -14.28 -6.86 4.53
N ASP A 92 -13.47 -5.98 3.93
CA ASP A 92 -13.96 -5.03 2.95
C ASP A 92 -14.46 -5.77 1.71
N MET A 93 -13.78 -6.84 1.34
CA MET A 93 -14.21 -7.66 0.21
C MET A 93 -15.59 -8.30 0.46
N ALA A 94 -15.83 -8.78 1.67
CA ALA A 94 -17.12 -9.34 2.07
C ALA A 94 -18.21 -8.27 2.10
N PHE A 95 -17.87 -7.04 2.49
CA PHE A 95 -18.76 -5.88 2.46
C PHE A 95 -19.17 -5.47 1.04
N TRP A 96 -18.18 -5.31 0.16
CA TRP A 96 -18.41 -4.79 -1.17
C TRP A 96 -18.89 -5.85 -2.15
N TYR A 97 -18.38 -7.07 -2.00
CA TYR A 97 -18.66 -8.13 -2.95
C TYR A 97 -19.52 -9.27 -2.38
N GLY A 98 -19.82 -9.22 -1.08
CA GLY A 98 -20.67 -10.24 -0.45
C GLY A 98 -19.95 -11.52 -0.01
N PRO A 99 -20.72 -12.55 0.40
CA PRO A 99 -20.16 -13.76 0.99
C PRO A 99 -19.27 -14.60 0.05
N HIS A 100 -19.53 -14.54 -1.27
CA HIS A 100 -18.69 -15.27 -2.24
C HIS A 100 -17.75 -14.35 -3.04
N TRP A 101 -17.03 -13.48 -2.33
CA TRP A 101 -16.16 -12.47 -2.91
C TRP A 101 -14.89 -13.05 -3.56
N GLN A 102 -14.39 -14.15 -3.00
CA GLN A 102 -13.19 -14.84 -3.52
C GLN A 102 -13.36 -15.27 -4.97
N GLU A 103 -14.58 -15.56 -5.37
CA GLU A 103 -14.86 -15.90 -6.75
C GLU A 103 -15.30 -14.69 -7.57
N ALA A 104 -15.74 -13.63 -6.89
CA ALA A 104 -16.26 -12.43 -7.52
C ALA A 104 -15.19 -11.39 -7.91
N ILE A 105 -14.18 -11.22 -7.06
CA ILE A 105 -13.24 -10.09 -7.23
C ILE A 105 -12.32 -10.17 -8.47
N PRO A 106 -12.10 -9.03 -9.15
CA PRO A 106 -11.21 -9.02 -10.30
C PRO A 106 -9.73 -9.10 -9.94
N TYR A 107 -8.92 -9.52 -10.91
CA TYR A 107 -7.48 -9.63 -10.75
C TYR A 107 -6.88 -9.08 -12.03
N THR A 108 -6.65 -7.77 -12.07
CA THR A 108 -6.25 -7.07 -13.29
C THR A 108 -4.76 -7.29 -13.65
N PRO A 109 -4.40 -7.12 -14.94
CA PRO A 109 -3.00 -7.20 -15.38
C PRO A 109 -1.99 -6.33 -14.60
N ALA A 110 -2.30 -5.04 -14.40
CA ALA A 110 -1.46 -4.15 -13.58
C ALA A 110 -1.31 -4.65 -12.12
N THR A 111 -2.37 -5.24 -11.58
CA THR A 111 -2.32 -5.85 -10.25
C THR A 111 -1.38 -7.06 -10.28
N GLN A 112 -1.53 -7.89 -11.32
CA GLN A 112 -0.69 -9.06 -11.58
C GLN A 112 0.78 -8.69 -11.69
N HIS A 113 1.07 -7.64 -12.44
CA HIS A 113 2.42 -7.08 -12.62
C HIS A 113 3.03 -6.66 -11.26
N TYR A 114 2.24 -5.93 -10.45
CA TYR A 114 2.64 -5.49 -9.11
C TYR A 114 2.94 -6.67 -8.17
N VAL A 115 2.00 -7.62 -8.11
CA VAL A 115 2.11 -8.87 -7.36
C VAL A 115 3.35 -9.69 -7.77
N LYS A 116 3.62 -9.71 -9.08
CA LYS A 116 4.73 -10.45 -9.65
C LYS A 116 6.06 -9.87 -9.14
N ARG A 117 6.17 -8.54 -9.20
CA ARG A 117 7.35 -7.91 -8.63
C ARG A 117 7.50 -8.14 -7.12
N LEU A 118 6.40 -8.11 -6.36
CA LEU A 118 6.44 -8.37 -4.90
C LEU A 118 7.01 -9.75 -4.54
N HIS A 119 6.62 -10.75 -5.34
CA HIS A 119 7.17 -12.09 -5.23
C HIS A 119 8.61 -12.21 -5.66
N GLU A 120 9.01 -11.51 -6.72
CA GLU A 120 10.42 -11.48 -7.12
C GLU A 120 11.26 -10.89 -6.01
N VAL A 121 10.82 -9.74 -5.48
CA VAL A 121 11.55 -9.09 -4.40
C VAL A 121 11.62 -10.00 -3.15
N GLY A 122 10.46 -10.49 -2.69
CA GLY A 122 10.42 -11.33 -1.51
C GLY A 122 11.16 -12.65 -1.69
N GLY A 123 11.14 -13.18 -2.91
CA GLY A 123 11.76 -14.45 -3.21
C GLY A 123 13.25 -14.33 -3.51
N THR A 124 13.66 -13.27 -4.20
CA THR A 124 15.02 -13.18 -4.73
C THR A 124 15.81 -11.99 -4.18
N HIS A 125 15.15 -10.89 -3.85
CA HIS A 125 15.85 -9.67 -3.37
C HIS A 125 15.20 -9.11 -2.10
N PRO A 126 15.13 -9.93 -1.00
CA PRO A 126 14.42 -9.48 0.23
C PRO A 126 15.00 -8.24 0.91
N GLU A 127 16.24 -7.91 0.61
CA GLU A 127 16.84 -6.66 1.08
C GLU A 127 16.10 -5.41 0.53
N LEU A 128 15.30 -5.61 -0.52
CA LEU A 128 14.53 -4.50 -1.13
C LEU A 128 13.08 -4.48 -0.65
N LEU A 129 12.67 -5.51 0.09
CA LEU A 129 11.27 -5.60 0.49
C LEU A 129 10.81 -4.35 1.25
N VAL A 130 11.72 -3.75 2.01
CA VAL A 130 11.46 -2.54 2.78
C VAL A 130 10.93 -1.39 1.93
N ALA A 131 11.49 -1.24 0.72
CA ALA A 131 10.96 -0.30 -0.29
C ALA A 131 9.46 -0.50 -0.55
N HIS A 132 9.00 -1.75 -0.60
CA HIS A 132 7.61 -2.03 -0.89
C HIS A 132 6.69 -1.82 0.32
N ALA A 133 7.17 -2.23 1.51
CA ALA A 133 6.42 -2.01 2.75
C ALA A 133 6.35 -0.50 3.04
N TYR A 134 7.48 0.16 2.90
CA TYR A 134 7.52 1.62 2.97
C TYR A 134 6.46 2.28 2.09
N THR A 135 6.48 1.97 0.79
CA THR A 135 5.63 2.64 -0.21
C THR A 135 4.15 2.49 0.11
N ARG A 136 3.73 1.29 0.51
CA ARG A 136 2.33 1.07 0.83
C ARG A 136 1.96 1.53 2.25
N TYR A 137 2.62 0.99 3.28
CA TYR A 137 2.20 1.28 4.67
C TYR A 137 2.28 2.74 5.10
N LEU A 138 3.34 3.44 4.73
CA LEU A 138 3.49 4.82 5.22
C LEU A 138 2.54 5.77 4.50
N GLY A 139 2.17 5.42 3.26
CA GLY A 139 1.09 6.11 2.59
C GLY A 139 -0.23 5.81 3.23
N ASP A 140 -0.49 4.53 3.53
CA ASP A 140 -1.73 4.16 4.21
C ASP A 140 -1.90 5.00 5.46
N LEU A 141 -0.79 5.24 6.15
CA LEU A 141 -0.79 6.02 7.39
C LEU A 141 -0.77 7.54 7.18
N SER A 142 -0.85 7.98 5.92
CA SER A 142 -0.75 9.39 5.58
C SER A 142 -1.91 9.84 4.73
N GLY A 143 -1.71 9.87 3.41
CA GLY A 143 -2.77 10.21 2.45
C GLY A 143 -3.92 9.21 2.47
N GLY A 144 -3.61 7.95 2.76
CA GLY A 144 -4.63 6.95 3.09
C GLY A 144 -5.71 7.48 4.03
N GLN A 145 -5.33 8.22 5.05
CA GLN A 145 -6.30 8.78 6.00
C GLN A 145 -7.21 9.85 5.39
N VAL A 146 -6.67 10.60 4.43
CA VAL A 146 -7.42 11.61 3.69
C VAL A 146 -8.35 10.92 2.70
N LEU A 147 -7.84 9.91 1.99
CA LEU A 147 -8.67 9.13 1.08
C LEU A 147 -9.88 8.53 1.78
N LYS A 148 -9.65 8.05 3.01
CA LYS A 148 -10.71 7.48 3.82
C LYS A 148 -11.85 8.49 4.06
N LYS A 149 -11.50 9.71 4.49
CA LYS A 149 -12.52 10.76 4.72
C LYS A 149 -13.30 11.11 3.43
N ILE A 150 -12.60 11.15 2.31
CA ILE A 150 -13.22 11.39 1.01
C ILE A 150 -14.18 10.24 0.64
N ALA A 151 -13.72 9.00 0.78
CA ALA A 151 -14.54 7.82 0.53
C ALA A 151 -15.84 7.85 1.35
N GLN A 152 -15.71 8.10 2.65
CA GLN A 152 -16.86 8.22 3.55
C GLN A 152 -17.87 9.24 3.09
N LYS A 153 -17.39 10.42 2.73
CA LYS A 153 -18.26 11.50 2.32
C LYS A 153 -18.93 11.17 0.97
N ALA A 154 -18.13 10.77 -0.02
CA ALA A 154 -18.61 10.50 -1.36
C ALA A 154 -19.64 9.39 -1.39
N MET A 155 -19.32 8.26 -0.76
CA MET A 155 -20.15 7.06 -0.88
C MET A 155 -21.10 6.80 0.28
N ALA A 156 -21.10 7.69 1.28
CA ALA A 156 -21.98 7.56 2.42
C ALA A 156 -21.62 6.33 3.25
N LEU A 157 -20.34 6.19 3.55
CA LEU A 157 -19.87 5.11 4.40
C LEU A 157 -19.94 5.54 5.86
N PRO A 158 -20.50 4.68 6.73
CA PRO A 158 -20.73 4.98 8.14
C PRO A 158 -19.42 5.15 8.93
N SER A 159 -19.46 6.03 9.92
CA SER A 159 -18.33 6.30 10.80
C SER A 159 -17.87 5.04 11.55
N SER A 160 -18.78 4.10 11.75
CA SER A 160 -18.47 2.85 12.43
C SER A 160 -17.38 2.06 11.69
N GLY A 161 -17.28 2.24 10.36
CA GLY A 161 -16.07 1.85 9.63
C GLY A 161 -16.21 0.69 8.65
N GLU A 162 -17.40 0.11 8.56
CA GLU A 162 -17.69 -0.93 7.58
C GLU A 162 -17.43 -0.43 6.15
N GLY A 163 -16.77 -1.26 5.35
CA GLY A 163 -16.40 -0.91 3.98
C GLY A 163 -15.04 -0.23 3.85
N LEU A 164 -14.52 0.26 4.99
CA LEU A 164 -13.26 0.99 5.03
C LEU A 164 -12.30 0.45 6.09
N ALA A 165 -12.38 -0.84 6.39
CA ALA A 165 -11.46 -1.49 7.34
C ALA A 165 -9.99 -1.32 6.90
N PHE A 166 -9.74 -1.42 5.59
CA PHE A 166 -8.40 -1.19 5.05
C PHE A 166 -7.75 0.09 5.59
N PHE A 167 -8.52 1.17 5.67
CA PHE A 167 -8.00 2.46 6.10
C PHE A 167 -8.01 2.64 7.63
N THR A 168 -8.41 1.59 8.35
CA THR A 168 -8.52 1.69 9.81
C THR A 168 -7.44 0.86 10.51
N PHE A 169 -6.70 1.52 11.39
CA PHE A 169 -5.63 0.87 12.14
C PHE A 169 -5.93 0.83 13.64
N PRO A 170 -6.71 -0.19 14.09
CA PRO A 170 -7.14 -0.21 15.48
C PRO A 170 -6.00 -0.39 16.47
N SER A 171 -4.90 -1.04 16.05
CA SER A 171 -3.76 -1.31 16.94
C SER A 171 -2.69 -0.19 16.95
N ILE A 172 -2.99 0.95 16.35
CA ILE A 172 -2.12 2.13 16.37
C ILE A 172 -2.94 3.27 16.95
N ASP A 173 -2.40 3.94 17.98
CA ASP A 173 -3.06 5.12 18.56
C ASP A 173 -2.86 6.38 17.69
N ASN A 174 -1.62 6.69 17.34
CA ASN A 174 -1.34 7.86 16.51
C ASN A 174 -0.48 7.49 15.30
N PRO A 175 -1.07 7.55 14.09
CA PRO A 175 -0.35 7.29 12.84
C PRO A 175 0.96 8.07 12.71
N THR A 176 0.92 9.37 13.04
CA THR A 176 2.09 10.25 13.03
C THR A 176 3.22 9.74 13.95
N LYS A 177 2.87 9.34 15.17
CA LYS A 177 3.84 8.77 16.10
C LYS A 177 4.39 7.46 15.53
N PHE A 178 3.51 6.56 15.11
CA PHE A 178 3.94 5.27 14.55
C PHE A 178 4.86 5.44 13.34
N LYS A 179 4.53 6.37 12.44
CA LYS A 179 5.39 6.69 11.31
C LYS A 179 6.80 7.11 11.75
N GLN A 180 6.87 7.94 12.81
CA GLN A 180 8.17 8.32 13.34
C GLN A 180 8.94 7.10 13.83
N LEU A 181 8.24 6.20 14.52
CA LEU A 181 8.83 4.97 15.00
C LEU A 181 9.34 4.13 13.83
N TYR A 182 8.49 3.94 12.83
CA TYR A 182 8.82 3.14 11.67
C TYR A 182 10.02 3.72 10.93
N ARG A 183 10.07 5.05 10.81
CA ARG A 183 11.21 5.71 10.20
C ARG A 183 12.50 5.44 10.95
N ALA A 184 12.49 5.68 12.27
CA ALA A 184 13.66 5.42 13.11
C ALA A 184 14.07 3.96 12.98
N ARG A 185 13.09 3.07 12.87
CA ARG A 185 13.38 1.66 12.73
C ARG A 185 14.00 1.29 11.37
N MET A 186 13.56 1.96 10.29
CA MET A 186 14.22 1.80 8.98
C MET A 186 15.71 2.16 9.03
N ASN A 187 16.04 3.16 9.85
CA ASN A 187 17.43 3.64 9.98
C ASN A 187 18.34 2.73 10.79
N THR A 188 17.75 1.62 11.22
CA THR A 188 18.37 0.64 12.06
C THR A 188 18.82 -0.56 11.21
N LEU A 189 18.23 -0.70 10.02
CA LEU A 189 18.60 -1.76 9.08
C LEU A 189 20.07 -1.65 8.68
N GLU A 190 20.73 -2.79 8.48
CA GLU A 190 22.08 -2.81 7.91
C GLU A 190 22.08 -2.13 6.54
N MET A 191 22.93 -1.13 6.40
CA MET A 191 22.86 -0.24 5.26
C MET A 191 24.27 -0.04 4.69
N THR A 192 24.42 -0.42 3.43
CA THR A 192 25.63 -0.16 2.68
C THR A 192 25.23 0.76 1.54
N PRO A 193 26.20 1.45 0.93
CA PRO A 193 25.82 2.25 -0.25
C PRO A 193 25.08 1.43 -1.33
N GLU A 194 25.45 0.17 -1.50
CA GLU A 194 24.80 -0.70 -2.48
C GLU A 194 23.29 -0.92 -2.17
N VAL A 195 22.99 -1.26 -0.93
CA VAL A 195 21.63 -1.51 -0.51
C VAL A 195 20.80 -0.24 -0.53
N LYS A 196 21.37 0.88 -0.09
CA LYS A 196 20.61 2.13 -0.04
C LYS A 196 20.27 2.67 -1.43
N HIS A 197 21.22 2.54 -2.35
CA HIS A 197 20.95 2.86 -3.74
C HIS A 197 19.80 2.03 -4.30
N ARG A 198 19.79 0.72 -4.07
CA ARG A 198 18.80 -0.12 -4.74
C ARG A 198 17.43 -0.03 -4.06
N VAL A 199 17.42 0.09 -2.73
CA VAL A 199 16.19 0.32 -1.97
C VAL A 199 15.47 1.58 -2.46
N THR A 200 16.20 2.70 -2.66
CA THR A 200 15.53 3.93 -3.11
C THR A 200 15.01 3.81 -4.54
N GLU A 201 15.78 3.08 -5.35
CA GLU A 201 15.34 2.73 -6.70
C GLU A 201 14.11 1.84 -6.70
N GLU A 202 14.05 0.87 -5.77
CA GLU A 202 12.91 -0.06 -5.75
C GLU A 202 11.65 0.63 -5.27
N ALA A 203 11.81 1.59 -4.37
CA ALA A 203 10.69 2.42 -3.91
C ALA A 203 10.11 3.24 -5.08
N LYS A 204 10.98 3.80 -5.94
CA LYS A 204 10.53 4.52 -7.17
C LYS A 204 9.71 3.63 -8.10
N THR A 205 10.19 2.40 -8.29
CA THR A 205 9.46 1.34 -8.97
C THR A 205 8.11 0.98 -8.32
N ALA A 206 8.11 0.88 -6.99
CA ALA A 206 6.87 0.63 -6.26
C ALA A 206 5.84 1.71 -6.59
N PHE A 207 6.28 2.96 -6.56
CA PHE A 207 5.40 4.09 -6.90
C PHE A 207 4.86 3.97 -8.32
N LEU A 208 5.72 3.56 -9.26
CA LEU A 208 5.32 3.45 -10.66
C LEU A 208 4.27 2.36 -10.81
N LEU A 209 4.51 1.22 -10.16
CA LEU A 209 3.54 0.13 -10.14
C LEU A 209 2.15 0.58 -9.66
N ASN A 210 2.12 1.45 -8.66
CA ASN A 210 0.89 2.08 -8.18
C ASN A 210 0.32 3.05 -9.21
N ILE A 211 1.17 3.92 -9.74
CA ILE A 211 0.74 4.83 -10.81
C ILE A 211 0.11 4.04 -11.97
N GLU A 212 0.74 2.94 -12.38
CA GLU A 212 0.23 2.08 -13.47
C GLU A 212 -1.04 1.33 -13.13
N LEU A 213 -1.19 0.87 -11.89
CA LEU A 213 -2.46 0.34 -11.45
C LEU A 213 -3.56 1.38 -11.61
N PHE A 214 -3.33 2.60 -11.11
CA PHE A 214 -4.35 3.64 -11.16
C PHE A 214 -4.67 4.11 -12.57
N GLU A 215 -3.67 4.17 -13.45
CA GLU A 215 -3.91 4.50 -14.86
C GLU A 215 -4.76 3.43 -15.53
N GLU A 216 -4.49 2.17 -15.20
CA GLU A 216 -5.27 1.07 -15.73
C GLU A 216 -6.73 1.09 -15.29
N LEU A 217 -6.97 1.29 -13.99
CA LEU A 217 -8.32 1.30 -13.43
C LEU A 217 -9.15 2.45 -14.00
N GLN A 218 -8.56 3.64 -14.05
CA GLN A 218 -9.17 4.79 -14.71
C GLN A 218 -9.67 4.46 -16.14
N ALA A 219 -8.82 3.78 -16.92
CA ALA A 219 -9.19 3.35 -18.27
C ALA A 219 -10.32 2.30 -18.25
N LEU A 220 -10.26 1.36 -17.32
CA LEU A 220 -11.31 0.34 -17.19
C LEU A 220 -12.66 0.97 -16.89
N LEU A 221 -12.65 2.13 -16.23
CA LEU A 221 -13.88 2.80 -15.85
C LEU A 221 -14.39 3.77 -16.92
N THR A 222 -13.49 4.22 -17.79
CA THR A 222 -13.86 5.18 -18.82
C THR A 222 -13.68 4.59 -20.23
O2D VEA B . 7.44 10.47 4.95
CGD VEA B . 7.69 9.81 3.92
O1D VEA B . 8.79 9.24 3.75
CBD VEA B . 6.62 9.74 2.86
CAD VEA B . 5.40 8.85 3.17
C3D VEA B . 4.65 8.74 1.83
C2D VEA B . 4.16 7.38 1.41
C5D VEA B . 5.27 6.44 0.93
C4D VEA B . 3.42 9.58 1.62
CHA VEA B . 3.22 10.74 2.27
N1 VEA B . 2.64 9.04 0.65
C1D VEA B . 3.12 7.79 0.40
CHD VEA B . 2.76 6.99 -0.61
C4C VEA B . 1.71 7.24 -1.62
C3C VEA B . 1.33 6.37 -2.77
CAC VEA B . 2.00 5.09 -3.06
CBC VEA B . 1.30 3.98 -3.12
C2C VEA B . 0.29 7.01 -3.45
C5C VEA B . -0.44 6.53 -4.69
FE VEA B . 1.15 9.83 -0.19
N2 VEA B . 1.11 11.36 1.22
C1A VEA B . 2.02 11.61 2.15
N3 VEA B . 0.97 8.33 -1.59
C1C VEA B . 0.12 8.25 -2.63
O VEA B . -0.78 9.11 -2.95
C4B VEA B . -1.19 10.07 -2.18
C3B VEA B . -2.44 10.82 -2.45
CAB VEA B . -3.41 10.64 -3.57
CBB VEA B . -3.22 9.67 -4.43
C2B VEA B . -2.59 11.79 -1.47
C5B VEA B . -3.69 12.82 -1.31
N4 VEA B . -0.59 10.56 -1.07
C1B VEA B . -1.38 11.57 -0.64
CHB VEA B . -1.06 12.37 0.56
C4A VEA B . 0.18 12.31 1.39
C3A VEA B . 0.50 13.23 2.50
C5A VEA B . -0.35 14.40 2.97
C2A VEA B . 1.71 12.79 3.01
CAA VEA B . 2.50 13.36 4.17
CBA VEA B . 3.64 14.27 3.71
CGA VEA B . 4.33 14.92 4.92
O1A VEA B . 5.03 14.21 5.69
O2A VEA B . 4.19 16.17 5.08
C FMT C . 6.96 7.76 -13.47
O1 FMT C . 5.94 8.39 -13.22
O2 FMT C . 7.88 7.53 -12.67
#